data_6STZ
#
_entry.id   6STZ
#
_cell.length_a   43.948
_cell.length_b   43.948
_cell.length_c   207.273
_cell.angle_alpha   90.000
_cell.angle_beta   90.000
_cell.angle_gamma   120.000
#
_symmetry.space_group_name_H-M   'P 32'
#
loop_
_entity.id
_entity.type
_entity.pdbx_description
1 polymer 'Fucose-binding lectin protein'
2 non-polymer beta-D-fructopyranose
3 water water
#
_entity_poly.entity_id   1
_entity_poly.type   'polypeptide(L)'
_entity_poly.pdbx_seq_one_letter_code
;SVQTAATSWGTVPSIRVYTANNG(MLY)ITERCWDG(MLY)GWYTGAFNEPGDNVSVTSWLVGSAIHIRVYASTGTTTTE
WCWDG(MLY)GWY(MLY)GAYTSTN
;
_entity_poly.pdbx_strand_id   A,B,C,D,E,F
#
# COMPACT_ATOMS: atom_id res chain seq x y z
N SER A 1 -24.78 16.52 14.16
CA SER A 1 -23.55 16.63 13.38
C SER A 1 -23.53 15.68 12.21
N VAL A 2 -22.60 15.91 11.29
CA VAL A 2 -22.36 14.96 10.19
C VAL A 2 -21.85 13.67 10.84
N GLN A 3 -22.03 12.58 10.15
CA GLN A 3 -21.67 11.22 10.59
CA GLN A 3 -21.59 11.31 10.67
C GLN A 3 -20.63 10.68 9.67
N THR A 4 -19.53 10.14 10.19
CA THR A 4 -18.51 9.56 9.33
C THR A 4 -18.24 8.11 9.59
N ALA A 5 -17.58 7.49 8.63
CA ALA A 5 -17.05 6.15 8.71
C ALA A 5 -15.75 6.16 7.94
N ALA A 6 -14.74 5.43 8.42
CA ALA A 6 -13.41 5.39 7.84
C ALA A 6 -12.91 3.99 7.68
N THR A 7 -12.18 3.78 6.62
CA THR A 7 -11.44 2.52 6.41
C THR A 7 -10.09 2.85 5.83
N SER A 8 -9.15 1.90 5.94
CA SER A 8 -7.85 2.06 5.36
C SER A 8 -7.31 0.73 4.96
N TRP A 9 -6.32 0.73 4.07
CA TRP A 9 -5.66 -0.51 3.65
C TRP A 9 -4.23 -0.23 3.30
N GLY A 10 -3.40 -1.26 3.36
CA GLY A 10 -1.98 -1.13 3.09
C GLY A 10 -1.26 -0.39 4.21
N THR A 11 -0.11 0.14 3.85
CA THR A 11 0.84 0.77 4.74
C THR A 11 1.20 2.19 4.36
N VAL A 12 0.93 2.62 3.10
CA VAL A 12 1.13 4.02 2.70
C VAL A 12 0.41 4.99 3.67
N PRO A 13 -0.88 4.81 4.00
CA PRO A 13 -1.85 3.83 3.49
C PRO A 13 -2.80 4.49 2.49
N SER A 14 -3.78 3.74 2.03
CA SER A 14 -4.93 4.37 1.42
C SER A 14 -6.01 4.48 2.50
N ILE A 15 -6.75 5.58 2.50
CA ILE A 15 -7.82 5.86 3.44
C ILE A 15 -9.04 6.30 2.64
N ARG A 16 -10.21 5.87 3.11
CA ARG A 16 -11.48 6.36 2.57
C ARG A 16 -12.34 6.78 3.73
N VAL A 17 -12.88 7.98 3.69
CA VAL A 17 -13.75 8.55 4.72
C VAL A 17 -15.06 8.90 4.07
N TYR A 18 -16.12 8.31 4.59
CA TYR A 18 -17.49 8.53 4.11
C TYR A 18 -18.19 9.45 5.07
N THR A 19 -18.90 10.45 4.57
CA THR A 19 -19.61 11.40 5.42
C THR A 19 -21.05 11.50 5.00
N ALA A 20 -21.94 11.28 5.97
CA ALA A 20 -23.38 11.48 5.74
C ALA A 20 -23.70 12.89 6.21
N ASN A 21 -24.21 13.71 5.28
CA ASN A 21 -24.52 15.11 5.59
C ASN A 21 -25.83 15.42 4.89
N ASN A 22 -26.85 15.79 5.69
CA ASN A 22 -28.16 16.16 5.14
C ASN A 22 -28.72 15.10 4.13
N GLY A 23 -28.61 13.82 4.51
CA GLY A 23 -29.15 12.73 3.71
C GLY A 23 -28.30 12.27 2.53
N ILE A 25 -24.42 10.80 1.29
CA ILE A 25 -23.13 10.27 1.71
C ILE A 25 -22.15 10.49 0.58
N THR A 26 -21.04 11.15 0.89
CA THR A 26 -19.95 11.40 -0.05
C THR A 26 -18.66 10.77 0.48
N GLU A 27 -17.65 10.65 -0.37
CA GLU A 27 -16.42 9.96 -0.05
C GLU A 27 -15.22 10.84 -0.32
N ARG A 28 -14.26 10.85 0.60
CA ARG A 28 -12.96 11.50 0.49
C ARG A 28 -11.90 10.42 0.55
N CYS A 29 -10.88 10.56 -0.30
CA CYS A 29 -9.85 9.54 -0.56
C CYS A 29 -8.49 10.08 -0.30
N TRP A 30 -7.65 9.27 0.29
CA TRP A 30 -6.22 9.51 0.46
C TRP A 30 -5.49 8.30 -0.10
N ASP A 31 -4.51 8.52 -0.97
CA ASP A 31 -3.63 7.45 -1.49
C ASP A 31 -2.15 7.86 -1.35
N GLY A 32 -1.87 8.74 -0.40
CA GLY A 32 -0.51 9.16 -0.07
C GLY A 32 -0.08 10.50 -0.60
N GLY A 34 -2.45 13.57 -1.09
CA GLY A 34 -3.50 14.56 -0.97
C GLY A 34 -4.91 13.97 -1.01
N TRP A 35 -5.85 14.67 -0.38
CA TRP A 35 -7.25 14.23 -0.34
C TRP A 35 -8.00 14.64 -1.60
N TYR A 36 -8.90 13.80 -2.06
CA TYR A 36 -9.75 14.09 -3.22
C TYR A 36 -11.12 13.44 -3.05
N THR A 37 -12.13 13.97 -3.76
CA THR A 37 -13.49 13.41 -3.68
C THR A 37 -13.60 12.19 -4.57
N GLY A 38 -14.01 11.06 -4.00
CA GLY A 38 -14.15 9.83 -4.75
C GLY A 38 -15.47 9.63 -5.46
N ALA A 39 -15.58 8.46 -6.13
CA ALA A 39 -16.72 7.99 -6.94
C ALA A 39 -17.95 7.63 -6.16
N PHE A 40 -17.88 7.42 -4.82
CA PHE A 40 -19.06 7.00 -4.07
C PHE A 40 -19.99 8.15 -3.82
N ASN A 41 -21.25 7.96 -4.14
CA ASN A 41 -22.26 8.96 -3.80
C ASN A 41 -23.58 8.25 -3.66
N GLU A 42 -24.13 8.19 -2.44
CA GLU A 42 -25.40 7.49 -2.20
C GLU A 42 -26.18 8.16 -1.13
N PRO A 43 -27.50 8.00 -1.11
CA PRO A 43 -28.28 8.61 -0.04
C PRO A 43 -28.15 7.84 1.28
N GLY A 44 -28.23 8.60 2.36
CA GLY A 44 -28.20 8.04 3.70
C GLY A 44 -27.93 9.04 4.78
N ASP A 45 -28.35 8.70 6.01
CA ASP A 45 -28.13 9.53 7.20
C ASP A 45 -27.06 8.96 8.09
N ASN A 46 -26.87 7.65 8.03
CA ASN A 46 -25.90 6.91 8.79
CA ASN A 46 -25.85 6.96 8.81
C ASN A 46 -25.06 6.07 7.87
N VAL A 47 -23.78 5.88 8.19
CA VAL A 47 -22.88 5.10 7.35
C VAL A 47 -21.90 4.30 8.19
N SER A 48 -21.61 3.09 7.75
CA SER A 48 -20.48 2.30 8.24
C SER A 48 -19.77 1.70 7.02
N VAL A 49 -18.55 1.25 7.23
CA VAL A 49 -17.76 0.71 6.14
C VAL A 49 -16.81 -0.37 6.64
N THR A 50 -16.49 -1.29 5.79
CA THR A 50 -15.41 -2.24 5.99
C THR A 50 -14.74 -2.49 4.64
N SER A 51 -13.52 -2.98 4.67
CA SER A 51 -12.80 -3.30 3.47
C SER A 51 -11.82 -4.41 3.71
N TRP A 52 -11.44 -5.12 2.66
CA TRP A 52 -10.46 -6.21 2.76
C TRP A 52 -9.71 -6.30 1.45
N LEU A 53 -8.48 -6.79 1.52
CA LEU A 53 -7.64 -7.03 0.36
C LEU A 53 -7.68 -8.49 0.00
N VAL A 54 -7.56 -8.76 -1.31
CA VAL A 54 -7.36 -10.10 -1.85
C VAL A 54 -6.10 -9.91 -2.70
N GLY A 55 -4.93 -10.20 -2.13
CA GLY A 55 -3.66 -9.85 -2.75
C GLY A 55 -3.55 -8.33 -2.72
N SER A 56 -3.41 -7.71 -3.91
CA SER A 56 -3.32 -6.25 -4.03
C SER A 56 -4.68 -5.63 -4.37
N ALA A 57 -5.73 -6.44 -4.52
CA ALA A 57 -7.06 -5.90 -4.88
C ALA A 57 -7.90 -5.52 -3.68
N ILE A 58 -8.33 -4.26 -3.64
CA ILE A 58 -9.18 -3.79 -2.55
C ILE A 58 -10.66 -4.05 -2.83
N HIS A 59 -11.41 -4.37 -1.79
CA HIS A 59 -12.84 -4.58 -1.84
C HIS A 59 -13.42 -3.77 -0.71
N ILE A 60 -14.44 -2.94 -0.97
CA ILE A 60 -15.03 -2.07 0.02
C ILE A 60 -16.52 -2.35 0.09
N ARG A 61 -17.09 -2.30 1.29
CA ARG A 61 -18.53 -2.39 1.49
C ARG A 61 -18.94 -1.25 2.38
N VAL A 62 -19.90 -0.46 1.92
CA VAL A 62 -20.46 0.69 2.63
C VAL A 62 -21.91 0.38 2.93
N TYR A 63 -22.31 0.60 4.18
CA TYR A 63 -23.68 0.34 4.60
C TYR A 63 -24.32 1.66 4.90
N ALA A 64 -25.27 2.05 4.03
CA ALA A 64 -25.93 3.35 4.07
C ALA A 64 -27.36 3.20 4.63
N SER A 65 -27.71 3.94 5.69
CA SER A 65 -29.04 3.82 6.32
C SER A 65 -29.87 5.08 6.26
N THR A 66 -31.14 4.92 5.94
CA THR A 66 -32.16 5.97 5.97
C THR A 66 -33.36 5.35 6.66
N GLY A 67 -33.80 5.90 7.79
CA GLY A 67 -34.88 5.29 8.59
C GLY A 67 -34.37 3.92 9.00
N THR A 68 -35.16 2.88 8.73
CA THR A 68 -34.80 1.49 9.06
C THR A 68 -34.33 0.71 7.82
N THR A 69 -34.01 1.40 6.70
CA THR A 69 -33.55 0.70 5.50
C THR A 69 -32.06 0.92 5.34
N THR A 70 -31.31 -0.19 5.29
CA THR A 70 -29.87 -0.18 5.08
C THR A 70 -29.58 -0.80 3.77
N THR A 71 -28.81 -0.08 2.92
CA THR A 71 -28.38 -0.58 1.62
C THR A 71 -26.87 -0.77 1.66
N GLU A 72 -26.39 -1.90 1.11
CA GLU A 72 -24.97 -2.14 0.96
C GLU A 72 -24.53 -1.71 -0.41
N TRP A 73 -23.42 -0.99 -0.46
CA TRP A 73 -22.80 -0.59 -1.72
C TRP A 73 -21.41 -1.24 -1.79
N CYS A 74 -21.05 -1.76 -2.93
CA CYS A 74 -19.86 -2.57 -3.15
C CYS A 74 -18.93 -1.96 -4.14
N TRP A 75 -17.63 -2.03 -3.81
CA TRP A 75 -16.54 -1.70 -4.71
C TRP A 75 -15.63 -2.91 -4.80
N ASP A 76 -15.41 -3.42 -6.02
CA ASP A 76 -14.53 -4.55 -6.28
C ASP A 76 -13.56 -4.20 -7.40
N GLY A 77 -13.25 -2.91 -7.54
CA GLY A 77 -12.26 -2.44 -8.50
C GLY A 77 -12.79 -1.87 -9.79
N GLY A 79 -16.21 -0.07 -10.23
CA GLY A 79 -17.44 0.68 -10.06
C GLY A 79 -18.24 0.23 -8.86
N TRP A 80 -19.01 1.16 -8.30
CA TRP A 80 -19.90 0.86 -7.16
C TRP A 80 -21.18 0.21 -7.65
N TYR A 81 -21.67 -0.78 -6.92
CA TYR A 81 -22.92 -1.46 -7.23
C TYR A 81 -23.58 -1.90 -5.96
N GLY A 83 -25.12 -4.24 -3.27
CA GLY A 83 -24.93 -5.61 -2.81
C GLY A 83 -26.19 -6.30 -2.33
N ALA A 84 -26.04 -7.57 -1.93
CA ALA A 84 -27.13 -8.40 -1.51
C ALA A 84 -27.60 -8.15 -0.09
N TYR A 85 -26.87 -7.37 0.73
CA TYR A 85 -27.26 -7.19 2.11
C TYR A 85 -28.70 -6.81 2.31
N THR A 86 -29.33 -7.46 3.28
CA THR A 86 -30.61 -7.05 3.82
C THR A 86 -30.56 -7.23 5.35
N SER A 87 -31.47 -6.55 6.04
CA SER A 87 -31.69 -6.69 7.47
C SER A 87 -33.18 -6.74 7.77
N THR A 88 -33.59 -7.60 8.72
CA THR A 88 -34.98 -7.74 9.19
C THR A 88 -35.16 -6.60 10.21
N ASN A 89 -35.73 -5.46 9.76
CA ASN A 89 -35.94 -4.25 10.57
C ASN A 89 -37.39 -3.79 10.58
N SER B 1 7.26 5.59 1.47
CA SER B 1 8.35 4.70 1.84
C SER B 1 9.66 5.10 1.19
N VAL B 2 10.76 4.56 1.74
CA VAL B 2 12.06 4.71 1.09
C VAL B 2 11.97 4.05 -0.31
N GLN B 3 12.84 4.51 -1.22
CA GLN B 3 12.83 4.06 -2.62
C GLN B 3 14.17 3.40 -2.89
N THR B 4 14.19 2.20 -3.47
CA THR B 4 15.46 1.54 -3.71
C THR B 4 15.68 1.25 -5.15
N ALA B 5 16.93 0.97 -5.48
CA ALA B 5 17.36 0.51 -6.80
C ALA B 5 18.48 -0.48 -6.54
N ALA B 6 18.56 -1.51 -7.39
CA ALA B 6 19.54 -2.58 -7.20
C ALA B 6 20.22 -2.96 -8.50
N THR B 7 21.49 -3.34 -8.41
CA THR B 7 22.24 -3.88 -9.51
C THR B 7 23.11 -5.00 -9.00
N SER B 8 23.56 -5.85 -9.90
CA SER B 8 24.50 -6.90 -9.54
C SER B 8 25.36 -7.23 -10.70
N TRP B 9 26.49 -7.85 -10.44
CA TRP B 9 27.39 -8.28 -11.52
C TRP B 9 28.13 -9.52 -11.11
N GLY B 10 28.64 -10.25 -12.10
CA GLY B 10 29.35 -11.49 -11.83
C GLY B 10 28.41 -12.58 -11.37
N THR B 11 29.00 -13.57 -10.67
CA THR B 11 28.31 -14.77 -10.24
C THR B 11 28.39 -15.06 -8.77
N VAL B 12 29.28 -14.38 -8.03
CA VAL B 12 29.36 -14.56 -6.56
C VAL B 12 27.99 -14.27 -5.91
N PRO B 13 27.31 -13.15 -6.21
CA PRO B 13 27.68 -12.04 -7.09
C PRO B 13 28.12 -10.86 -6.22
N SER B 14 28.40 -9.75 -6.87
CA SER B 14 28.44 -8.46 -6.22
C SER B 14 27.06 -7.82 -6.41
N ILE B 15 26.53 -7.22 -5.36
CA ILE B 15 25.26 -6.51 -5.36
C ILE B 15 25.47 -5.12 -4.81
N ARG B 16 24.76 -4.14 -5.37
CA ARG B 16 24.70 -2.79 -4.80
C ARG B 16 23.23 -2.42 -4.74
N VAL B 17 22.81 -1.94 -3.60
CA VAL B 17 21.45 -1.48 -3.34
C VAL B 17 21.54 -0.02 -2.90
N TYR B 18 20.82 0.85 -3.60
CA TYR B 18 20.76 2.29 -3.34
C TYR B 18 19.44 2.59 -2.73
N THR B 19 19.44 3.35 -1.65
CA THR B 19 18.19 3.73 -0.97
C THR B 19 18.08 5.23 -0.81
N ALA B 20 16.99 5.78 -1.32
CA ALA B 20 16.63 7.20 -1.15
C ALA B 20 15.73 7.31 0.06
N ASN B 21 16.17 8.03 1.08
CA ASN B 21 15.45 8.16 2.33
C ASN B 21 15.53 9.59 2.74
N ASN B 22 14.37 10.27 2.83
CA ASN B 22 14.34 11.66 3.27
C ASN B 22 15.36 12.56 2.48
N GLY B 23 15.39 12.36 1.16
CA GLY B 23 16.21 13.18 0.27
C GLY B 23 17.67 12.81 0.18
N ILE B 25 20.41 9.64 -0.73
CA ILE B 25 20.65 8.30 -1.31
C ILE B 25 21.95 7.73 -0.76
N THR B 26 21.88 6.51 -0.20
CA THR B 26 23.03 5.79 0.35
C THR B 26 23.10 4.43 -0.31
N GLU B 27 24.23 3.75 -0.15
CA GLU B 27 24.55 2.51 -0.81
C GLU B 27 24.97 1.42 0.11
N ARG B 28 24.43 0.21 -0.10
CA ARG B 28 24.87 -0.97 0.62
C ARG B 28 25.39 -1.96 -0.39
N CYS B 29 26.42 -2.70 -0.01
CA CYS B 29 27.23 -3.55 -0.87
C CYS B 29 27.32 -4.95 -0.35
N TRP B 30 27.30 -5.90 -1.29
CA TRP B 30 27.57 -7.31 -1.00
C TRP B 30 28.59 -7.77 -2.01
N ASP B 31 29.67 -8.41 -1.57
CA ASP B 31 30.68 -9.01 -2.45
C ASP B 31 30.95 -10.44 -2.01
N GLY B 32 29.95 -11.06 -1.41
CA GLY B 32 30.04 -12.47 -0.99
C GLY B 32 30.36 -12.71 0.46
N GLY B 34 29.34 -10.55 3.34
CA GLY B 34 28.64 -9.65 4.22
C GLY B 34 28.31 -8.30 3.63
N TRP B 35 27.22 -7.70 4.13
CA TRP B 35 26.78 -6.38 3.67
C TRP B 35 27.59 -5.29 4.34
N TYR B 36 27.93 -4.25 3.59
CA TYR B 36 28.68 -3.10 4.10
C TYR B 36 28.23 -1.83 3.37
N THR B 37 28.53 -0.68 3.92
CA THR B 37 28.17 0.59 3.32
C THR B 37 29.21 0.99 2.30
N GLY B 38 28.70 1.43 1.17
CA GLY B 38 29.56 1.88 0.10
C GLY B 38 29.82 3.37 0.16
N ALA B 39 30.68 3.82 -0.74
CA ALA B 39 31.11 5.22 -0.81
C ALA B 39 30.03 6.17 -1.33
N PHE B 40 29.02 5.66 -2.06
CA PHE B 40 27.99 6.52 -2.65
C PHE B 40 27.12 7.25 -1.65
N ASN B 41 27.06 8.59 -1.78
CA ASN B 41 26.17 9.37 -0.97
C ASN B 41 25.83 10.58 -1.78
N GLU B 42 24.58 10.66 -2.26
CA GLU B 42 24.16 11.81 -3.05
C GLU B 42 22.75 12.19 -2.72
N PRO B 43 22.35 13.46 -2.88
CA PRO B 43 20.95 13.80 -2.64
C PRO B 43 20.02 13.25 -3.71
N GLY B 44 18.79 12.93 -3.29
CA GLY B 44 17.72 12.51 -4.18
C GLY B 44 16.56 11.81 -3.49
N ASP B 45 15.40 11.85 -4.16
CA ASP B 45 14.17 11.17 -3.71
C ASP B 45 13.88 9.89 -4.44
N ASN B 46 14.23 9.84 -5.73
CA ASN B 46 14.10 8.67 -6.56
C ASN B 46 15.44 8.31 -7.10
N VAL B 47 15.63 7.01 -7.32
CA VAL B 47 16.91 6.49 -7.77
C VAL B 47 16.72 5.34 -8.73
N SER B 48 17.57 5.25 -9.74
CA SER B 48 17.72 4.08 -10.59
C SER B 48 19.19 3.85 -10.80
N VAL B 49 19.56 2.65 -11.20
CA VAL B 49 20.94 2.27 -11.42
C VAL B 49 21.07 1.30 -12.57
N THR B 50 22.21 1.33 -13.20
CA THR B 50 22.61 0.30 -14.16
C THR B 50 24.12 0.09 -14.02
N SER B 51 24.60 -1.05 -14.44
CA SER B 51 26.02 -1.33 -14.39
C SER B 51 26.44 -2.26 -15.48
N TRP B 52 27.71 -2.23 -15.84
CA TRP B 52 28.24 -3.10 -16.87
C TRP B 52 29.71 -3.39 -16.59
N LEU B 53 30.16 -4.54 -17.06
CA LEU B 53 31.55 -4.92 -16.94
C LEU B 53 32.28 -4.66 -18.24
N VAL B 54 33.54 -4.22 -18.12
CA VAL B 54 34.45 -4.13 -19.27
C VAL B 54 35.60 -5.01 -18.83
N GLY B 55 35.65 -6.21 -19.39
CA GLY B 55 36.59 -7.20 -18.91
C GLY B 55 36.14 -7.55 -17.51
N SER B 56 37.05 -7.34 -16.55
CA SER B 56 36.78 -7.60 -15.15
C SER B 56 36.46 -6.34 -14.32
N ALA B 57 36.42 -5.18 -14.97
CA ALA B 57 36.17 -3.91 -14.29
C ALA B 57 34.71 -3.52 -14.34
N ILE B 58 34.17 -3.13 -13.18
CA ILE B 58 32.79 -2.68 -13.08
C ILE B 58 32.66 -1.18 -13.31
N HIS B 59 31.54 -0.82 -13.94
CA HIS B 59 31.17 0.57 -14.21
C HIS B 59 29.72 0.69 -13.74
N ILE B 60 29.40 1.68 -12.90
CA ILE B 60 28.08 1.89 -12.35
C ILE B 60 27.57 3.29 -12.70
N ARG B 61 26.32 3.41 -13.05
CA ARG B 61 25.69 4.71 -13.24
C ARG B 61 24.44 4.74 -12.39
N VAL B 62 24.33 5.79 -11.55
CA VAL B 62 23.19 6.01 -10.66
C VAL B 62 22.52 7.31 -11.08
N TYR B 63 21.21 7.26 -11.24
CA TYR B 63 20.40 8.44 -11.66
C TYR B 63 19.55 8.89 -10.51
N ALA B 64 19.92 10.02 -9.92
CA ALA B 64 19.32 10.57 -8.71
C ALA B 64 18.39 11.73 -9.04
N SER B 65 17.12 11.65 -8.65
CA SER B 65 16.14 12.68 -8.97
C SER B 65 15.60 13.41 -7.76
N THR B 66 15.57 14.74 -7.86
CA THR B 66 14.94 15.64 -6.90
C THR B 66 14.12 16.59 -7.74
N GLY B 67 12.82 16.68 -7.48
CA GLY B 67 11.92 17.48 -8.30
C GLY B 67 12.04 17.00 -9.73
N THR B 68 12.32 17.93 -10.66
CA THR B 68 12.48 17.57 -12.08
C THR B 68 13.94 17.54 -12.49
N THR B 69 14.87 17.48 -11.53
CA THR B 69 16.30 17.44 -11.85
C THR B 69 16.84 16.08 -11.57
N THR B 70 17.36 15.43 -12.61
CA THR B 70 18.03 14.13 -12.48
C THR B 70 19.50 14.30 -12.75
N THR B 71 20.33 13.86 -11.82
CA THR B 71 21.78 13.92 -11.93
C THR B 71 22.31 12.49 -12.06
N GLU B 72 23.25 12.27 -12.97
CA GLU B 72 23.94 11.00 -13.11
C GLU B 72 25.24 11.04 -12.32
N TRP B 73 25.46 9.98 -11.58
CA TRP B 73 26.67 9.72 -10.81
C TRP B 73 27.34 8.49 -11.37
N CYS B 74 28.65 8.57 -11.56
CA CYS B 74 29.46 7.58 -12.23
C CYS B 74 30.49 6.99 -11.32
N TRP B 75 30.66 5.67 -11.37
CA TRP B 75 31.73 4.93 -10.74
C TRP B 75 32.45 4.14 -11.85
N ASP B 76 33.76 4.38 -12.01
CA ASP B 76 34.59 3.66 -12.96
C ASP B 76 35.85 3.13 -12.25
N GLY B 77 35.70 2.80 -10.98
CA GLY B 77 36.73 2.21 -10.14
C GLY B 77 37.56 3.15 -9.28
N GLY B 79 36.34 6.39 -7.59
CA GLY B 79 35.57 7.43 -6.95
C GLY B 79 34.37 7.86 -7.78
N TRP B 80 33.33 8.31 -7.10
CA TRP B 80 32.10 8.76 -7.75
C TRP B 80 32.27 10.15 -8.28
N TYR B 81 31.71 10.41 -9.47
CA TYR B 81 31.76 11.73 -10.11
C TYR B 81 30.49 12.00 -10.91
N GLY B 83 28.26 12.68 -14.03
CA GLY B 83 28.28 12.43 -15.46
C GLY B 83 27.57 13.47 -16.29
N ALA B 84 27.61 13.25 -17.60
CA ALA B 84 27.06 14.15 -18.61
C ALA B 84 25.58 14.02 -18.84
N TYR B 85 24.89 13.04 -18.23
CA TYR B 85 23.47 12.88 -18.46
C TYR B 85 22.68 14.15 -18.24
N THR B 86 21.74 14.40 -19.16
CA THR B 86 20.68 15.40 -19.02
C THR B 86 19.40 14.79 -19.59
N SER B 87 18.26 15.24 -19.09
CA SER B 87 16.95 14.75 -19.55
C SER B 87 16.52 15.55 -20.81
N THR B 88 15.28 15.32 -21.33
CA THR B 88 14.77 16.16 -22.42
C THR B 88 13.46 16.84 -21.97
N ASN B 89 12.27 16.20 -22.18
CA ASN B 89 10.95 16.75 -21.88
C ASN B 89 10.56 16.58 -20.42
N SER C 1 0.12 5.85 -7.98
CA SER C 1 0.10 4.74 -8.91
C SER C 1 0.93 3.61 -8.35
N VAL C 2 0.74 2.39 -8.89
CA VAL C 2 1.57 1.21 -8.57
C VAL C 2 3.01 1.51 -8.92
N GLN C 3 3.92 0.68 -8.39
CA GLN C 3 5.34 0.85 -8.65
C GLN C 3 5.87 -0.49 -9.02
N THR C 4 6.64 -0.55 -10.12
CA THR C 4 7.14 -1.82 -10.61
C THR C 4 8.66 -1.90 -10.64
N ALA C 5 9.13 -3.10 -10.80
CA ALA C 5 10.54 -3.41 -11.03
C ALA C 5 10.62 -4.62 -11.90
N ALA C 6 11.65 -4.72 -12.73
CA ALA C 6 11.74 -5.81 -13.69
C ALA C 6 13.17 -6.33 -13.78
N THR C 7 13.29 -7.61 -14.09
CA THR C 7 14.58 -8.25 -14.35
C THR C 7 14.35 -9.28 -15.45
N SER C 8 15.43 -9.71 -16.11
CA SER C 8 15.33 -10.71 -17.18
C SER C 8 16.63 -11.43 -17.28
N TRP C 9 16.59 -12.60 -17.90
CA TRP C 9 17.82 -13.40 -18.08
C TRP C 9 17.71 -14.28 -19.30
N GLY C 10 18.89 -14.66 -19.80
CA GLY C 10 19.03 -15.55 -20.94
C GLY C 10 18.59 -14.88 -22.24
N THR C 11 18.32 -15.73 -23.26
CA THR C 11 17.95 -15.30 -24.61
C THR C 11 16.52 -15.62 -25.01
N VAL C 12 15.77 -16.40 -24.21
CA VAL C 12 14.36 -16.75 -24.48
C VAL C 12 13.49 -15.46 -24.57
N PRO C 13 13.52 -14.53 -23.59
CA PRO C 13 14.19 -14.56 -22.28
C PRO C 13 13.18 -15.05 -21.25
N SER C 14 13.64 -15.09 -20.02
CA SER C 14 12.76 -15.12 -18.89
C SER C 14 12.69 -13.66 -18.40
N ILE C 15 11.51 -13.21 -17.95
CA ILE C 15 11.27 -11.87 -17.41
C ILE C 15 10.48 -12.03 -16.12
N ARG C 16 10.82 -11.23 -15.12
CA ARG C 16 10.01 -11.14 -13.93
C ARG C 16 9.69 -9.70 -13.67
N VAL C 17 8.43 -9.40 -13.42
CA VAL C 17 7.96 -8.05 -13.16
C VAL C 17 7.27 -8.06 -11.82
N TYR C 18 7.75 -7.22 -10.90
CA TYR C 18 7.22 -7.12 -9.54
C TYR C 18 6.42 -5.87 -9.45
N THR C 19 5.22 -5.93 -8.84
CA THR C 19 4.38 -4.74 -8.71
C THR C 19 4.05 -4.55 -7.25
N ALA C 20 4.35 -3.36 -6.73
CA ALA C 20 3.90 -2.92 -5.40
C ALA C 20 2.59 -2.16 -5.58
N ASN C 21 1.55 -2.68 -4.96
CA ASN C 21 0.22 -2.11 -5.09
C ASN C 21 -0.52 -2.41 -3.80
N ASN C 22 -1.08 -1.39 -3.17
CA ASN C 22 -1.88 -1.53 -1.95
C ASN C 22 -1.13 -2.24 -0.82
N GLY C 23 0.18 -2.00 -0.74
CA GLY C 23 1.01 -2.55 0.31
C GLY C 23 1.50 -3.97 0.10
N ILE C 25 3.40 -6.79 -2.72
CA ILE C 25 4.18 -6.94 -3.95
C ILE C 25 3.87 -8.33 -4.47
N THR C 26 3.52 -8.38 -5.76
CA THR C 26 3.27 -9.63 -6.47
C THR C 26 4.16 -9.70 -7.69
N GLU C 27 4.23 -10.86 -8.31
CA GLU C 27 5.15 -11.13 -9.38
C GLU C 27 4.47 -11.73 -10.57
N ARG C 28 4.78 -11.21 -11.76
CA ARG C 28 4.31 -11.77 -13.03
C ARG C 28 5.53 -12.25 -13.79
N CYS C 29 5.38 -13.40 -14.45
CA CYS C 29 6.48 -14.14 -15.03
C CYS C 29 6.28 -14.43 -16.48
N TRP C 30 7.36 -14.44 -17.22
CA TRP C 30 7.40 -14.82 -18.62
C TRP C 30 8.59 -15.71 -18.82
N ASP C 31 8.36 -16.91 -19.34
CA ASP C 31 9.43 -17.80 -19.73
C ASP C 31 9.19 -18.24 -21.16
N GLY C 32 8.51 -17.37 -21.92
CA GLY C 32 8.16 -17.64 -23.31
C GLY C 32 6.79 -18.29 -23.52
N GLY C 34 3.49 -17.31 -22.12
CA GLY C 34 2.48 -16.46 -21.52
C GLY C 34 2.91 -15.94 -20.18
N TRP C 35 2.20 -14.95 -19.71
CA TRP C 35 2.43 -14.36 -18.40
C TRP C 35 1.66 -15.14 -17.36
N TYR C 36 2.28 -15.37 -16.22
CA TYR C 36 1.64 -16.10 -15.13
C TYR C 36 2.08 -15.50 -13.81
N THR C 37 1.33 -15.75 -12.74
CA THR C 37 1.59 -15.23 -11.42
C THR C 37 2.62 -16.13 -10.75
N GLY C 38 3.74 -15.53 -10.37
CA GLY C 38 4.83 -16.26 -9.72
C GLY C 38 4.58 -16.51 -8.25
N ALA C 39 5.54 -17.21 -7.65
CA ALA C 39 5.46 -17.55 -6.24
C ALA C 39 5.76 -16.40 -5.30
N PHE C 40 6.36 -15.30 -5.79
CA PHE C 40 6.73 -14.19 -4.93
C PHE C 40 5.50 -13.43 -4.46
N ASN C 41 5.33 -13.30 -3.14
CA ASN C 41 4.21 -12.56 -2.60
C ASN C 41 4.64 -12.05 -1.24
N GLU C 42 4.95 -10.75 -1.13
CA GLU C 42 5.45 -10.21 0.13
C GLU C 42 4.96 -8.81 0.35
N PRO C 43 4.91 -8.30 1.58
CA PRO C 43 4.50 -6.90 1.79
C PRO C 43 5.54 -5.91 1.28
N GLY C 44 5.06 -4.77 0.83
CA GLY C 44 5.91 -3.67 0.46
C GLY C 44 5.19 -2.61 -0.34
N ASP C 45 5.70 -1.39 -0.25
CA ASP C 45 5.23 -0.24 -1.01
C ASP C 45 6.21 0.18 -2.06
N ASN C 46 7.43 -0.38 -2.04
CA ASN C 46 8.46 -0.10 -3.03
C ASN C 46 9.21 -1.37 -3.25
N VAL C 47 9.56 -1.61 -4.50
CA VAL C 47 10.31 -2.78 -4.87
C VAL C 47 11.44 -2.46 -5.83
N SER C 48 12.57 -3.13 -5.65
CA SER C 48 13.63 -3.23 -6.66
C SER C 48 14.06 -4.68 -6.71
N VAL C 49 14.74 -5.04 -7.80
CA VAL C 49 15.14 -6.43 -8.02
C VAL C 49 16.42 -6.49 -8.82
N THR C 50 17.18 -7.54 -8.61
CA THR C 50 18.32 -7.87 -9.46
C THR C 50 18.41 -9.39 -9.55
N SER C 51 19.08 -9.90 -10.57
CA SER C 51 19.23 -11.33 -10.73
C SER C 51 20.51 -11.66 -11.45
N TRP C 52 20.99 -12.88 -11.29
CA TRP C 52 22.20 -13.34 -11.96
C TRP C 52 22.09 -14.82 -12.18
N LEU C 53 22.76 -15.29 -13.23
CA LEU C 53 22.82 -16.70 -13.54
C LEU C 53 24.09 -17.34 -13.05
N VAL C 54 23.98 -18.53 -12.49
CA VAL C 54 25.16 -19.34 -12.08
C VAL C 54 24.95 -20.55 -13.00
N GLY C 55 25.64 -20.55 -14.12
CA GLY C 55 25.43 -21.54 -15.18
C GLY C 55 24.04 -21.28 -15.77
N SER C 56 23.14 -22.28 -15.70
CA SER C 56 21.76 -22.14 -16.18
C SER C 56 20.78 -21.74 -15.05
N ALA C 57 21.22 -21.73 -13.79
CA ALA C 57 20.39 -21.45 -12.62
C ALA C 57 20.28 -19.98 -12.30
N ILE C 58 19.04 -19.47 -12.22
CA ILE C 58 18.81 -18.10 -11.85
C ILE C 58 18.81 -17.94 -10.34
N HIS C 59 19.27 -16.78 -9.92
CA HIS C 59 19.24 -16.30 -8.56
C HIS C 59 18.63 -14.93 -8.60
N ILE C 60 17.62 -14.65 -7.77
CA ILE C 60 16.91 -13.36 -7.75
C ILE C 60 16.97 -12.80 -6.35
N ARG C 61 17.15 -11.50 -6.25
CA ARG C 61 17.02 -10.81 -4.98
C ARG C 61 16.08 -9.66 -5.15
N VAL C 62 15.06 -9.59 -4.30
CA VAL C 62 14.04 -8.56 -4.32
C VAL C 62 14.17 -7.75 -3.05
N TYR C 63 14.16 -6.43 -3.18
CA TYR C 63 14.27 -5.53 -2.04
C TYR C 63 12.95 -4.83 -1.87
N ALA C 64 12.22 -5.22 -0.83
CA ALA C 64 10.87 -4.75 -0.51
C ALA C 64 10.94 -3.76 0.61
N SER C 65 10.36 -2.55 0.42
CA SER C 65 10.43 -1.52 1.45
C SER C 65 9.05 -1.08 1.88
N THR C 66 8.91 -0.94 3.20
CA THR C 66 7.72 -0.35 3.84
C THR C 66 8.25 0.64 4.85
N GLY C 67 7.81 1.89 4.79
CA GLY C 67 8.35 2.93 5.66
C GLY C 67 9.85 3.06 5.40
N THR C 68 10.67 2.94 6.43
CA THR C 68 12.14 3.00 6.30
C THR C 68 12.76 1.62 6.41
N THR C 69 11.94 0.57 6.37
CA THR C 69 12.48 -0.80 6.49
C THR C 69 12.50 -1.55 5.17
N THR C 70 13.70 -1.97 4.74
CA THR C 70 13.85 -2.73 3.51
C THR C 70 14.20 -4.17 3.90
N THR C 71 13.45 -5.13 3.35
CA THR C 71 13.65 -6.57 3.55
C THR C 71 14.05 -7.18 2.23
N GLU C 72 15.11 -8.01 2.24
CA GLU C 72 15.54 -8.74 1.07
C GLU C 72 14.90 -10.11 1.07
N TRP C 73 14.40 -10.47 -0.09
CA TRP C 73 13.82 -11.78 -0.37
C TRP C 73 14.66 -12.44 -1.43
N CYS C 74 14.94 -13.72 -1.27
CA CYS C 74 15.88 -14.49 -2.08
C CYS C 74 15.24 -15.64 -2.73
N TRP C 75 15.61 -15.88 -4.00
CA TRP C 75 15.21 -17.06 -4.77
C TRP C 75 16.49 -17.68 -5.34
N ASP C 76 16.68 -18.95 -5.04
CA ASP C 76 17.78 -19.73 -5.61
C ASP C 76 17.24 -21.01 -6.27
N GLY C 77 15.99 -20.98 -6.73
CA GLY C 77 15.39 -22.10 -7.45
C GLY C 77 14.45 -22.98 -6.65
N GLY C 79 12.21 -21.98 -3.66
CA GLY C 79 11.41 -21.22 -2.72
C GLY C 79 12.05 -19.91 -2.34
N TRP C 80 11.18 -18.97 -1.94
CA TRP C 80 11.62 -17.66 -1.48
C TRP C 80 11.94 -17.69 0.01
N TYR C 81 12.96 -16.94 0.40
CA TYR C 81 13.34 -16.86 1.80
C TYR C 81 13.95 -15.49 2.11
N GLY C 83 16.58 -12.83 3.23
CA GLY C 83 18.04 -12.76 3.21
C GLY C 83 18.61 -11.86 4.30
N ALA C 84 19.94 -11.73 4.24
CA ALA C 84 20.72 -11.02 5.26
C ALA C 84 20.83 -9.52 5.06
N TYR C 85 20.29 -8.95 3.94
CA TYR C 85 20.40 -7.54 3.72
C TYR C 85 19.92 -6.72 4.91
N THR C 86 20.74 -5.71 5.23
CA THR C 86 20.51 -4.63 6.18
C THR C 86 20.84 -3.33 5.54
N SER C 87 20.07 -2.30 5.95
CA SER C 87 20.14 -0.85 5.78
C SER C 87 19.94 -0.25 7.21
N THR C 88 20.35 1.03 7.44
CA THR C 88 20.20 1.70 8.75
C THR C 88 19.67 3.14 8.55
N ASN C 89 20.47 4.18 8.93
CA ASN C 89 20.14 5.60 8.82
C ASN C 89 20.27 6.05 7.37
N SER D 1 -32.43 7.64 12.16
CA SER D 1 -32.15 6.44 11.37
C SER D 1 -31.42 5.42 12.19
N VAL D 2 -31.52 4.14 11.79
CA VAL D 2 -30.74 3.07 12.41
C VAL D 2 -29.25 3.40 12.25
N GLN D 3 -28.42 2.84 13.13
CA GLN D 3 -27.00 3.10 13.15
C GLN D 3 -26.28 1.78 13.07
N THR D 4 -25.29 1.70 12.18
CA THR D 4 -24.62 0.43 11.95
C THR D 4 -23.14 0.48 12.22
N ALA D 5 -22.55 -0.72 12.37
CA ALA D 5 -21.12 -0.89 12.45
C ALA D 5 -20.79 -2.15 11.72
N ALA D 6 -19.64 -2.21 11.06
CA ALA D 6 -19.27 -3.36 10.25
C ALA D 6 -17.85 -3.77 10.48
N THR D 7 -17.59 -5.06 10.34
CA THR D 7 -16.25 -5.62 10.33
C THR D 7 -16.18 -6.76 9.32
N SER D 8 -14.96 -7.15 8.96
CA SER D 8 -14.78 -8.24 8.03
C SER D 8 -13.44 -8.84 8.26
N TRP D 9 -13.26 -10.06 7.75
CA TRP D 9 -11.99 -10.75 7.85
C TRP D 9 -11.81 -11.76 6.76
N GLY D 10 -10.54 -12.06 6.48
CA GLY D 10 -10.19 -13.02 5.45
C GLY D 10 -10.46 -12.50 4.06
N THR D 11 -10.37 -13.40 3.06
CA THR D 11 -10.52 -13.01 1.66
C THR D 11 -11.86 -13.38 1.03
N VAL D 12 -12.63 -14.27 1.67
CA VAL D 12 -13.93 -14.70 1.12
C VAL D 12 -14.84 -13.47 0.84
N PRO D 13 -15.05 -12.52 1.76
CA PRO D 13 -14.63 -12.53 3.17
C PRO D 13 -15.81 -13.01 4.04
N SER D 14 -15.57 -12.95 5.35
CA SER D 14 -16.65 -12.98 6.32
C SER D 14 -16.92 -11.52 6.67
N ILE D 15 -18.18 -11.15 6.77
CA ILE D 15 -18.60 -9.78 7.14
C ILE D 15 -19.62 -9.89 8.25
N ARG D 16 -19.56 -8.95 9.20
CA ARG D 16 -20.58 -8.84 10.25
C ARG D 16 -21.02 -7.42 10.29
N VAL D 17 -22.32 -7.20 10.26
CA VAL D 17 -22.94 -5.88 10.29
C VAL D 17 -23.87 -5.83 11.47
N TYR D 18 -23.64 -4.87 12.38
CA TYR D 18 -24.42 -4.71 13.61
C TYR D 18 -25.29 -3.51 13.43
N THR D 19 -26.55 -3.62 13.76
CA THR D 19 -27.48 -2.50 13.62
C THR D 19 -28.19 -2.20 14.93
N ALA D 20 -28.10 -0.94 15.36
CA ALA D 20 -28.86 -0.40 16.50
C ALA D 20 -30.13 0.21 15.96
N ASN D 21 -31.26 -0.38 16.38
CA ASN D 21 -32.57 -0.02 15.87
C ASN D 21 -33.53 -0.01 17.05
N ASN D 22 -34.02 1.20 17.37
CA ASN D 22 -34.96 1.39 18.47
C ASN D 22 -34.51 0.71 19.80
N GLY D 23 -33.23 0.89 20.15
CA GLY D 23 -32.66 0.39 21.40
C GLY D 23 -32.20 -1.05 21.43
N ILE D 25 -29.70 -3.98 19.40
CA ILE D 25 -28.63 -4.26 18.43
C ILE D 25 -28.73 -5.71 17.99
N THR D 26 -28.77 -5.93 16.69
CA THR D 26 -28.78 -7.27 16.09
C THR D 26 -27.65 -7.34 15.05
N GLU D 27 -27.40 -8.55 14.56
CA GLU D 27 -26.25 -8.85 13.73
C GLU D 27 -26.63 -9.61 12.52
N ARG D 28 -26.07 -9.21 11.36
CA ARG D 28 -26.26 -9.90 10.09
C ARG D 28 -24.88 -10.34 9.62
N CYS D 29 -24.81 -11.52 9.04
CA CYS D 29 -23.58 -12.21 8.74
C CYS D 29 -23.51 -12.64 7.31
N TRP D 30 -22.31 -12.65 6.72
CA TRP D 30 -22.04 -13.13 5.38
C TRP D 30 -20.78 -13.95 5.49
N ASP D 31 -20.81 -15.19 5.00
CA ASP D 31 -19.61 -16.02 4.93
C ASP D 31 -19.39 -16.60 3.53
N GLY D 32 -19.99 -15.97 2.53
CA GLY D 32 -19.82 -16.39 1.15
C GLY D 32 -21.04 -17.00 0.48
N GLY D 34 -24.72 -16.02 1.36
CA GLY D 34 -25.95 -15.31 1.64
C GLY D 34 -25.93 -14.75 3.04
N TRP D 35 -26.81 -13.79 3.31
CA TRP D 35 -26.91 -13.13 4.60
C TRP D 35 -27.81 -13.87 5.57
N TYR D 36 -27.39 -13.94 6.83
CA TYR D 36 -28.22 -14.56 7.87
C TYR D 36 -28.07 -13.80 9.17
N THR D 37 -28.98 -14.05 10.12
CA THR D 37 -29.00 -13.37 11.41
C THR D 37 -28.09 -14.09 12.37
N GLY D 38 -27.11 -13.38 12.89
CA GLY D 38 -26.16 -13.97 13.81
C GLY D 38 -26.67 -14.08 15.23
N ALA D 39 -25.82 -14.61 16.10
CA ALA D 39 -26.14 -14.87 17.50
C ALA D 39 -26.21 -13.60 18.34
N PHE D 40 -25.57 -12.50 17.90
CA PHE D 40 -25.53 -11.31 18.73
C PHE D 40 -26.89 -10.62 18.90
N ASN D 41 -27.30 -10.41 20.16
CA ASN D 41 -28.56 -9.70 20.45
C ASN D 41 -28.40 -8.99 21.76
N GLU D 42 -28.20 -7.69 21.75
CA GLU D 42 -28.00 -6.96 22.99
C GLU D 42 -28.60 -5.60 22.91
N PRO D 43 -28.97 -4.98 24.05
CA PRO D 43 -29.54 -3.64 23.96
C PRO D 43 -28.52 -2.56 23.68
N GLY D 44 -28.96 -1.51 23.01
CA GLY D 44 -28.11 -0.36 22.73
C GLY D 44 -28.68 0.57 21.69
N ASP D 45 -28.32 1.84 21.81
CA ASP D 45 -28.67 2.87 20.84
C ASP D 45 -27.51 3.16 19.94
N ASN D 46 -26.31 2.72 20.29
CA ASN D 46 -25.10 2.97 19.50
C ASN D 46 -24.25 1.74 19.54
N VAL D 47 -23.58 1.45 18.43
CA VAL D 47 -22.71 0.31 18.32
C VAL D 47 -21.44 0.66 17.55
N SER D 48 -20.31 0.09 18.00
CA SER D 48 -19.08 0.04 17.21
C SER D 48 -18.54 -1.39 17.32
N VAL D 49 -17.61 -1.74 16.47
CA VAL D 49 -17.04 -3.08 16.46
C VAL D 49 -15.62 -3.09 15.97
N THR D 50 -14.83 -4.00 16.46
CA THR D 50 -13.54 -4.32 15.89
C THR D 50 -13.35 -5.84 15.96
N SER D 51 -12.46 -6.35 15.13
CA SER D 51 -12.15 -7.77 15.14
C SER D 51 -10.75 -8.03 14.74
N TRP D 52 -10.19 -9.16 15.16
CA TRP D 52 -8.87 -9.58 14.76
C TRP D 52 -8.84 -11.09 14.67
N LEU D 53 -7.89 -11.58 13.88
CA LEU D 53 -7.64 -13.00 13.70
C LEU D 53 -6.44 -13.45 14.52
N VAL D 54 -6.53 -14.66 15.03
CA VAL D 54 -5.38 -15.40 15.55
C VAL D 54 -5.39 -16.67 14.68
N GLY D 55 -4.52 -16.73 13.69
CA GLY D 55 -4.56 -17.81 12.70
C GLY D 55 -5.82 -17.59 11.88
N SER D 56 -6.73 -18.55 11.91
CA SER D 56 -8.03 -18.34 11.23
C SER D 56 -9.17 -18.13 12.21
N ALA D 57 -8.87 -18.06 13.51
CA ALA D 57 -9.87 -17.85 14.54
C ALA D 57 -10.18 -16.37 14.72
N ILE D 58 -11.45 -16.02 14.50
CA ILE D 58 -11.90 -14.65 14.69
C ILE D 58 -12.22 -14.33 16.15
N HIS D 59 -11.93 -13.07 16.51
CA HIS D 59 -12.23 -12.52 17.82
C HIS D 59 -12.91 -11.21 17.53
N ILE D 60 -14.12 -11.03 18.04
CA ILE D 60 -14.93 -9.83 17.77
C ILE D 60 -15.21 -9.14 19.10
N ARG D 61 -15.15 -7.80 19.08
CA ARG D 61 -15.52 -7.00 20.24
C ARG D 61 -16.51 -5.95 19.78
N VAL D 62 -17.70 -5.94 20.38
CA VAL D 62 -18.79 -5.03 20.05
C VAL D 62 -18.99 -4.13 21.24
N TYR D 63 -19.03 -2.82 21.01
CA TYR D 63 -19.21 -1.85 22.06
C TYR D 63 -20.59 -1.25 21.93
N ALA D 64 -21.49 -1.60 22.86
CA ALA D 64 -22.89 -1.25 22.86
C ALA D 64 -23.15 -0.17 23.87
N SER D 65 -23.74 0.96 23.46
CA SER D 65 -24.01 2.06 24.39
C SER D 65 -25.47 2.41 24.50
N THR D 66 -25.89 2.72 25.73
CA THR D 66 -27.22 3.23 26.11
C THR D 66 -26.90 4.37 27.10
N GLY D 67 -27.34 5.60 26.81
CA GLY D 67 -27.02 6.77 27.63
C GLY D 67 -25.51 6.93 27.69
N THR D 68 -24.91 6.93 28.88
CA THR D 68 -23.46 7.05 29.04
C THR D 68 -22.80 5.69 29.36
N THR D 69 -23.58 4.59 29.32
CA THR D 69 -23.08 3.27 29.67
C THR D 69 -22.70 2.48 28.43
N THR D 70 -21.42 2.14 28.30
CA THR D 70 -20.92 1.32 27.20
C THR D 70 -20.55 -0.06 27.72
N THR D 71 -21.10 -1.11 27.14
CA THR D 71 -20.75 -2.49 27.48
C THR D 71 -20.04 -3.11 26.31
N GLU D 72 -18.96 -3.81 26.58
CA GLU D 72 -18.22 -4.57 25.58
C GLU D 72 -18.74 -6.00 25.60
N TRP D 73 -19.09 -6.49 24.43
CA TRP D 73 -19.51 -7.86 24.20
C TRP D 73 -18.45 -8.55 23.38
N CYS D 74 -18.10 -9.77 23.74
CA CYS D 74 -17.01 -10.53 23.20
C CYS D 74 -17.43 -11.81 22.56
N TRP D 75 -16.83 -12.11 21.42
CA TRP D 75 -16.97 -13.37 20.74
C TRP D 75 -15.60 -13.96 20.44
N ASP D 76 -15.37 -15.20 20.90
CA ASP D 76 -14.15 -15.92 20.58
C ASP D 76 -14.51 -17.30 20.06
N GLY D 77 -15.66 -17.44 19.43
CA GLY D 77 -16.04 -18.70 18.77
C GLY D 77 -17.08 -19.52 19.47
N GLY D 79 -19.85 -18.37 21.87
CA GLY D 79 -20.87 -17.63 22.61
C GLY D 79 -20.40 -16.21 22.90
N TRP D 80 -21.38 -15.30 23.03
CA TRP D 80 -21.09 -13.91 23.38
C TRP D 80 -21.05 -13.78 24.90
N TYR D 81 -20.15 -12.93 25.37
CA TYR D 81 -20.03 -12.68 26.82
C TYR D 81 -19.53 -11.27 27.10
N GLY D 83 -17.33 -8.34 28.29
CA GLY D 83 -15.91 -8.07 28.50
C GLY D 83 -15.60 -7.08 29.59
N ALA D 84 -14.30 -6.97 29.86
CA ALA D 84 -13.81 -6.11 30.94
C ALA D 84 -13.82 -4.62 30.66
N TYR D 85 -14.08 -4.20 29.42
CA TYR D 85 -14.10 -2.77 29.13
C TYR D 85 -14.92 -1.98 30.11
N THR D 86 -14.34 -0.89 30.56
CA THR D 86 -15.03 0.15 31.34
C THR D 86 -14.63 1.53 30.75
N SER D 87 -15.52 2.52 30.90
CA SER D 87 -15.33 3.90 30.44
C SER D 87 -14.29 4.63 31.30
N SER E 1 -27.54 9.19 23.30
CA SER E 1 -26.51 8.39 23.94
C SER E 1 -25.11 8.77 23.45
N VAL E 2 -24.06 8.31 24.16
CA VAL E 2 -22.66 8.46 23.71
C VAL E 2 -22.49 7.70 22.41
N GLN E 3 -21.46 8.08 21.63
CA GLN E 3 -21.17 7.41 20.36
CA GLN E 3 -21.14 7.47 20.34
C GLN E 3 -19.73 6.94 20.41
N THR E 4 -19.49 5.70 19.96
CA THR E 4 -18.15 5.15 20.03
C THR E 4 -17.62 4.74 18.67
N ALA E 5 -16.32 4.53 18.62
CA ALA E 5 -15.60 4.00 17.48
C ALA E 5 -14.48 3.14 18.05
N ALA E 6 -14.09 2.08 17.34
CA ALA E 6 -13.09 1.15 17.83
C ALA E 6 -12.17 0.68 16.75
N THR E 7 -10.93 0.45 17.11
CA THR E 7 -9.93 -0.13 16.22
C THR E 7 -9.09 -1.10 17.02
N SER E 8 -8.37 -1.96 16.31
CA SER E 8 -7.47 -2.91 16.98
C SER E 8 -6.36 -3.28 16.04
N TRP E 9 -5.28 -3.85 16.59
CA TRP E 9 -4.17 -4.28 15.73
C TRP E 9 -3.44 -5.42 16.40
N GLY E 10 -2.75 -6.18 15.56
CA GLY E 10 -1.97 -7.33 15.99
C GLY E 10 -2.85 -8.46 16.48
N THR E 11 -2.24 -9.37 17.24
CA THR E 11 -2.88 -10.58 17.76
C THR E 11 -3.04 -10.64 19.24
N VAL E 12 -2.42 -9.70 19.99
CA VAL E 12 -2.55 -9.66 21.46
C VAL E 12 -4.05 -9.54 21.85
N PRO E 13 -4.86 -8.61 21.34
CA PRO E 13 -4.49 -7.50 20.46
C PRO E 13 -4.30 -6.22 21.28
N SER E 14 -4.00 -5.15 20.58
CA SER E 14 -4.19 -3.81 21.15
C SER E 14 -5.57 -3.34 20.63
N ILE E 15 -6.36 -2.67 21.45
CA ILE E 15 -7.64 -2.11 21.08
C ILE E 15 -7.66 -0.67 21.56
N ARG E 16 -8.29 0.21 20.77
CA ARG E 16 -8.55 1.57 21.20
C ARG E 16 -10.02 1.82 20.95
N VAL E 17 -10.68 2.36 21.95
CA VAL E 17 -12.11 2.70 21.89
C VAL E 17 -12.26 4.18 22.17
N TYR E 18 -12.87 4.90 21.23
CA TYR E 18 -13.04 6.36 21.33
C TYR E 18 -14.51 6.62 21.67
N THR E 19 -14.79 7.49 22.61
CA THR E 19 -16.17 7.81 23.00
C THR E 19 -16.41 9.28 22.89
N ALA E 20 -17.43 9.66 22.15
CA ALA E 20 -17.88 11.06 22.06
C ALA E 20 -19.02 11.21 23.08
N ASN E 21 -18.83 12.14 24.04
CA ASN E 21 -19.81 12.36 25.10
C ASN E 21 -19.72 13.82 25.46
N ASN E 22 -20.88 14.53 25.45
CA ASN E 22 -20.93 15.94 25.87
C ASN E 22 -19.94 16.83 25.10
N GLY E 23 -19.74 16.46 23.84
CA GLY E 23 -18.90 17.21 22.90
C GLY E 23 -17.42 16.94 23.03
N ILE E 25 -14.30 13.91 22.91
CA ILE E 25 -13.90 12.54 22.56
C ILE E 25 -12.73 12.14 23.41
N THR E 26 -12.83 10.99 24.08
CA THR E 26 -11.76 10.43 24.90
C THR E 26 -11.50 9.00 24.46
N GLU E 27 -10.42 8.43 24.95
CA GLU E 27 -9.89 7.18 24.48
C GLU E 27 -9.58 6.23 25.61
N ARG E 28 -9.98 4.96 25.45
CA ARG E 28 -9.65 3.86 26.38
C ARG E 28 -8.86 2.84 25.60
N CYS E 29 -7.88 2.20 26.25
CA CYS E 29 -6.86 1.39 25.62
C CYS E 29 -6.74 0.06 26.28
N TRP E 30 -6.44 -0.95 25.46
CA TRP E 30 -6.16 -2.31 25.91
C TRP E 30 -4.95 -2.80 25.17
N ASP E 31 -3.95 -3.32 25.85
CA ASP E 31 -2.80 -3.92 25.21
C ASP E 31 -2.55 -5.29 25.79
N GLY E 32 -3.58 -5.93 26.31
CA GLY E 32 -3.49 -7.31 26.81
C GLY E 32 -3.51 -7.47 28.31
N GLY E 34 -5.21 -5.11 30.82
CA GLY E 34 -6.08 -4.16 31.51
C GLY E 34 -6.34 -2.92 30.66
N TRP E 35 -7.49 -2.30 30.93
CA TRP E 35 -7.91 -1.08 30.27
C TRP E 35 -7.34 0.13 30.97
N TYR E 36 -6.96 1.13 30.21
CA TYR E 36 -6.43 2.37 30.76
C TYR E 36 -6.80 3.54 29.85
N THR E 37 -6.67 4.75 30.35
CA THR E 37 -7.03 5.95 29.58
C THR E 37 -5.89 6.37 28.68
N GLY E 38 -6.21 6.61 27.40
CA GLY E 38 -5.24 7.07 26.42
C GLY E 38 -5.06 8.56 26.37
N ALA E 39 -4.08 8.96 25.58
CA ALA E 39 -3.68 10.36 25.38
C ALA E 39 -4.72 11.15 24.60
N PHE E 40 -5.56 10.51 23.77
CA PHE E 40 -6.46 11.24 22.89
C PHE E 40 -7.50 12.04 23.63
N ASN E 41 -7.58 13.34 23.35
CA ASN E 41 -8.60 14.18 23.96
C ASN E 41 -8.86 15.32 23.01
N GLU E 42 -9.98 15.29 22.31
CA GLU E 42 -10.31 16.34 21.34
C GLU E 42 -11.80 16.56 21.30
N PRO E 43 -12.26 17.72 20.83
CA PRO E 43 -13.71 17.95 20.73
C PRO E 43 -14.35 17.18 19.59
N GLY E 44 -15.60 16.80 19.79
CA GLY E 44 -16.42 16.17 18.75
C GLY E 44 -17.67 15.53 19.28
N ASP E 45 -18.66 15.43 18.39
CA ASP E 45 -19.94 14.78 18.66
C ASP E 45 -20.06 13.46 17.95
N ASN E 46 -19.27 13.25 16.89
CA ASN E 46 -19.26 12.02 16.12
C ASN E 46 -17.82 11.65 15.93
N VAL E 47 -17.51 10.35 15.96
CA VAL E 47 -16.18 9.85 15.81
C VAL E 47 -16.13 8.63 14.93
N SER E 48 -15.13 8.55 14.09
CA SER E 48 -14.73 7.33 13.41
C SER E 48 -13.23 7.19 13.50
N VAL E 49 -12.73 5.98 13.28
CA VAL E 49 -11.30 5.75 13.41
C VAL E 49 -10.85 4.68 12.43
N THR E 50 -9.59 4.74 12.04
CA THR E 50 -8.93 3.66 11.30
C THR E 50 -7.47 3.62 11.75
N SER E 51 -6.80 2.46 11.58
CA SER E 51 -5.40 2.37 11.94
C SER E 51 -4.73 1.39 11.07
N TRP E 52 -3.41 1.46 10.98
CA TRP E 52 -2.59 0.54 10.21
C TRP E 52 -1.24 0.41 10.87
N LEU E 53 -0.62 -0.75 10.70
CA LEU E 53 0.71 -0.99 11.19
C LEU E 53 1.74 -0.78 10.08
N VAL E 54 2.88 -0.18 10.43
CA VAL E 54 4.07 -0.07 9.56
C VAL E 54 5.10 -0.81 10.38
N GLY E 55 5.30 -2.07 10.03
CA GLY E 55 6.13 -2.97 10.83
C GLY E 55 5.42 -3.19 12.16
N SER E 56 6.08 -2.83 13.27
CA SER E 56 5.55 -2.97 14.64
C SER E 56 4.87 -1.68 15.14
N ALA E 57 5.01 -0.59 14.38
CA ALA E 57 4.51 0.76 14.72
C ALA E 57 3.06 1.02 14.26
N ILE E 58 2.19 1.40 15.20
CA ILE E 58 0.82 1.75 14.88
C ILE E 58 0.70 3.19 14.42
N HIS E 59 -0.22 3.39 13.50
CA HIS E 59 -0.60 4.70 12.98
C HIS E 59 -2.10 4.77 13.07
N ILE E 60 -2.64 5.80 13.69
CA ILE E 60 -4.08 5.95 13.95
C ILE E 60 -4.59 7.24 13.38
N ARG E 61 -5.76 7.22 12.77
CA ARG E 61 -6.44 8.44 12.32
C ARG E 61 -7.83 8.45 12.88
N VAL E 62 -8.16 9.52 13.59
CA VAL E 62 -9.46 9.70 14.20
C VAL E 62 -10.13 10.85 13.51
N TYR E 63 -11.38 10.66 13.09
CA TYR E 63 -12.16 11.69 12.40
C TYR E 63 -13.23 12.18 13.34
N ALA E 64 -13.06 13.43 13.84
CA ALA E 64 -13.95 14.03 14.84
C ALA E 64 -14.83 15.06 14.18
N SER E 65 -16.14 14.94 14.35
CA SER E 65 -17.04 15.88 13.71
C SER E 65 -17.89 16.63 14.72
N THR E 66 -18.02 17.94 14.47
CA THR E 66 -18.87 18.86 15.20
C THR E 66 -19.57 19.69 14.13
N GLY E 67 -20.90 19.67 14.14
CA GLY E 67 -21.66 20.35 13.11
C GLY E 67 -21.32 19.74 11.78
N THR E 68 -20.91 20.56 10.79
CA THR E 68 -20.52 20.06 9.48
C THR E 68 -19.01 20.01 9.30
N THR E 69 -18.22 20.23 10.38
CA THR E 69 -16.76 20.24 10.28
C THR E 69 -16.19 18.97 10.86
N THR E 70 -15.41 18.25 10.04
CA THR E 70 -14.70 17.05 10.48
C THR E 70 -13.22 17.36 10.53
N THR E 71 -12.56 17.07 11.65
CA THR E 71 -11.14 17.26 11.81
C THR E 71 -10.51 15.89 11.95
N GLU E 72 -9.37 15.69 11.29
CA GLU E 72 -8.60 14.47 11.41
C GLU E 72 -7.50 14.67 12.41
N TRP E 73 -7.41 13.74 13.37
CA TRP E 73 -6.35 13.72 14.37
C TRP E 73 -5.49 12.50 14.11
N CYS E 74 -4.17 12.67 14.20
CA CYS E 74 -3.21 11.68 13.78
C CYS E 74 -2.33 11.29 14.92
N TRP E 75 -2.04 9.98 15.01
CA TRP E 75 -1.07 9.42 15.93
C TRP E 75 -0.09 8.60 15.13
N ASP E 76 1.18 8.93 15.25
CA ASP E 76 2.26 8.16 14.65
C ASP E 76 3.31 7.84 15.71
N GLY E 77 2.90 7.75 16.97
CA GLY E 77 3.76 7.36 18.08
C GLY E 77 4.27 8.45 18.98
N GLY E 79 2.59 11.80 19.94
CA GLY E 79 1.62 12.83 20.19
C GLY E 79 0.61 12.90 19.07
N TRP E 80 -0.55 13.42 19.43
CA TRP E 80 -1.64 13.61 18.46
C TRP E 80 -1.53 14.94 17.78
N TYR E 81 -1.80 15.00 16.48
CA TYR E 81 -1.73 16.26 15.74
C TYR E 81 -2.77 16.30 14.65
N GLY E 83 -4.34 16.44 11.16
CA GLY E 83 -3.98 16.04 9.81
C GLY E 83 -4.57 16.94 8.72
N ALA E 84 -4.26 16.57 7.49
CA ALA E 84 -4.66 17.36 6.30
C ALA E 84 -6.09 17.15 5.85
N TYR E 85 -6.82 16.17 6.37
CA TYR E 85 -8.16 15.89 5.91
C TYR E 85 -9.07 17.09 5.92
N THR E 86 -9.80 17.23 4.82
CA THR E 86 -10.92 18.15 4.73
C THR E 86 -12.02 17.44 3.95
N SER E 87 -13.26 17.90 4.12
CA SER E 87 -14.42 17.34 3.40
C SER E 87 -14.68 18.18 2.13
N THR E 88 -15.94 18.64 1.93
CA THR E 88 -16.40 19.45 0.79
C THR E 88 -15.79 20.85 0.81
N SER F 1 8.81 13.86 -7.07
CA SER F 1 9.97 13.98 -7.94
C SER F 1 9.77 13.11 -9.12
N VAL F 2 10.44 13.43 -10.24
CA VAL F 2 10.39 12.54 -11.43
C VAL F 2 10.95 11.18 -11.04
N GLN F 3 10.58 10.15 -11.78
CA GLN F 3 10.98 8.79 -11.47
C GLN F 3 11.62 8.17 -12.69
N THR F 4 12.76 7.49 -12.51
CA THR F 4 13.50 6.97 -13.65
C THR F 4 13.74 5.48 -13.56
N ALA F 5 14.07 4.92 -14.69
CA ALA F 5 14.48 3.53 -14.85
C ALA F 5 15.61 3.52 -15.85
N ALA F 6 16.62 2.66 -15.62
CA ALA F 6 17.79 2.62 -16.48
C ALA F 6 18.18 1.24 -16.87
N THR F 7 18.69 1.07 -18.09
CA THR F 7 19.25 -0.21 -18.55
C THR F 7 20.48 0.09 -19.38
N SER F 8 21.32 -0.92 -19.55
CA SER F 8 22.51 -0.77 -20.36
C SER F 8 22.90 -2.10 -20.95
N TRP F 9 23.72 -2.06 -22.01
CA TRP F 9 24.22 -3.28 -22.61
C TRP F 9 25.54 -3.06 -23.27
N GLY F 10 26.24 -4.16 -23.47
CA GLY F 10 27.55 -4.14 -24.08
C GLY F 10 28.59 -3.51 -23.19
N THR F 11 29.75 -3.16 -23.78
CA THR F 11 30.88 -2.60 -23.05
C THR F 11 31.14 -1.12 -23.34
N VAL F 12 30.55 -0.57 -24.41
CA VAL F 12 30.79 0.84 -24.77
C VAL F 12 30.44 1.80 -23.57
N PRO F 13 29.28 1.69 -22.94
CA PRO F 13 28.13 0.83 -23.27
C PRO F 13 27.08 1.65 -24.03
N SER F 14 25.95 1.02 -24.27
CA SER F 14 24.73 1.71 -24.60
C SER F 14 23.94 1.79 -23.28
N ILE F 15 23.33 2.94 -23.02
CA ILE F 15 22.46 3.20 -21.86
C ILE F 15 21.19 3.81 -22.32
N ARG F 16 20.09 3.41 -21.67
CA ARG F 16 18.80 4.05 -21.88
C ARG F 16 18.22 4.40 -20.55
N VAL F 17 17.74 5.64 -20.43
CA VAL F 17 17.17 6.14 -19.19
C VAL F 17 15.78 6.63 -19.51
N TYR F 18 14.79 6.09 -18.80
CA TYR F 18 13.37 6.43 -19.00
C TYR F 18 12.95 7.27 -17.83
N THR F 19 12.26 8.38 -18.07
CA THR F 19 11.82 9.28 -17.01
C THR F 19 10.33 9.48 -17.11
N ALA F 20 9.63 9.21 -16.00
CA ALA F 20 8.21 9.53 -15.84
C ALA F 20 8.15 10.90 -15.17
N ASN F 21 7.57 11.86 -15.91
CA ASN F 21 7.50 13.24 -15.47
C ASN F 21 6.13 13.78 -15.79
N ASN F 22 5.37 14.06 -14.73
CA ASN F 22 4.01 14.60 -14.87
C ASN F 22 3.15 13.80 -15.88
N GLY F 23 3.20 12.48 -15.75
CA GLY F 23 2.37 11.59 -16.56
C GLY F 23 2.89 11.20 -17.93
N ILE F 25 6.26 9.56 -20.09
CA ILE F 25 7.55 8.87 -20.05
C ILE F 25 8.31 9.15 -21.32
N THR F 26 9.56 9.63 -21.19
CA THR F 26 10.44 9.88 -22.32
C THR F 26 11.74 9.12 -22.07
N GLU F 27 12.59 9.08 -23.09
CA GLU F 27 13.78 8.26 -23.10
C GLU F 27 14.98 9.05 -23.58
N ARG F 28 16.10 8.90 -22.86
CA ARG F 28 17.39 9.46 -23.23
C ARG F 28 18.32 8.30 -23.46
N CYS F 29 19.21 8.48 -24.45
CA CYS F 29 20.07 7.42 -24.95
C CYS F 29 21.50 7.83 -24.97
N TRP F 30 22.39 6.88 -24.72
CA TRP F 30 23.83 7.02 -24.81
C TRP F 30 24.34 5.80 -25.57
N ASP F 31 25.15 6.03 -26.60
CA ASP F 31 25.83 4.94 -27.29
C ASP F 31 27.32 5.24 -27.45
N GLY F 32 27.88 6.05 -26.57
CA GLY F 32 29.31 6.36 -26.55
C GLY F 32 29.68 7.71 -27.09
N GLY F 34 27.57 10.92 -26.76
CA GLY F 34 26.62 11.93 -26.32
C GLY F 34 25.21 11.44 -26.11
N TRP F 35 24.49 12.15 -25.24
CA TRP F 35 23.10 11.82 -24.93
C TRP F 35 22.15 12.40 -25.96
N TYR F 36 21.12 11.65 -26.34
CA TYR F 36 20.14 12.13 -27.30
C TYR F 36 18.77 11.54 -26.95
N THR F 37 17.72 12.12 -27.51
CA THR F 37 16.36 11.66 -27.18
C THR F 37 16.00 10.47 -28.03
N GLY F 38 15.47 9.45 -27.38
CA GLY F 38 15.00 8.25 -28.08
C GLY F 38 13.57 8.31 -28.54
N ALA F 39 13.17 7.25 -29.24
CA ALA F 39 11.85 7.10 -29.84
C ALA F 39 10.75 6.79 -28.84
N PHE F 40 11.10 6.30 -27.65
CA PHE F 40 10.07 5.96 -26.70
C PHE F 40 9.37 7.18 -26.13
N ASN F 41 8.04 7.23 -26.30
CA ASN F 41 7.27 8.30 -25.71
C ASN F 41 5.91 7.75 -25.45
N GLU F 42 5.59 7.48 -24.18
CA GLU F 42 4.33 6.88 -23.79
C GLU F 42 3.84 7.45 -22.49
N PRO F 43 2.51 7.42 -22.24
CA PRO F 43 2.01 7.92 -20.95
C PRO F 43 2.37 6.99 -19.80
N GLY F 44 2.54 7.58 -18.63
CA GLY F 44 2.75 6.83 -17.40
C GLY F 44 3.27 7.68 -16.28
N ASP F 45 2.95 7.26 -15.07
CA ASP F 45 3.45 7.93 -13.86
C ASP F 45 4.54 7.11 -13.21
N ASN F 46 4.72 5.85 -13.66
CA ASN F 46 5.74 4.98 -13.10
C ASN F 46 6.30 4.15 -14.23
N VAL F 47 7.61 3.89 -14.18
CA VAL F 47 8.31 3.14 -15.20
C VAL F 47 9.35 2.19 -14.60
N SER F 48 9.47 1.02 -15.21
CA SER F 48 10.59 0.13 -15.00
C SER F 48 11.03 -0.40 -16.35
N VAL F 49 12.21 -0.99 -16.40
CA VAL F 49 12.74 -1.49 -17.66
C VAL F 49 13.63 -2.68 -17.46
N THR F 50 13.69 -3.52 -18.45
CA THR F 50 14.72 -4.56 -18.52
C THR F 50 15.11 -4.75 -19.95
N SER F 51 16.26 -5.34 -20.20
CA SER F 51 16.72 -5.58 -21.58
C SER F 51 17.63 -6.76 -21.61
N TRP F 52 17.70 -7.40 -22.77
CA TRP F 52 18.62 -8.54 -22.96
C TRP F 52 19.13 -8.52 -24.38
N LEU F 53 20.28 -9.12 -24.59
CA LEU F 53 20.88 -9.29 -25.89
C LEU F 53 20.67 -10.67 -26.45
N VAL F 54 20.50 -10.72 -27.77
CA VAL F 54 20.54 -11.95 -28.57
C VAL F 54 21.65 -11.65 -29.57
N GLY F 55 22.85 -12.17 -29.30
CA GLY F 55 24.03 -11.80 -30.08
C GLY F 55 24.32 -10.35 -29.76
N SER F 56 24.26 -9.47 -30.76
CA SER F 56 24.46 -8.06 -30.47
C SER F 56 23.15 -7.29 -30.56
N ALA F 57 22.03 -7.99 -30.79
CA ALA F 57 20.70 -7.36 -30.93
C ALA F 57 20.05 -7.14 -29.57
N ILE F 58 19.74 -5.87 -29.25
CA ILE F 58 19.08 -5.53 -28.00
C ILE F 58 17.59 -5.71 -28.08
N HIS F 59 17.01 -6.13 -26.97
CA HIS F 59 15.57 -6.26 -26.82
C HIS F 59 15.25 -5.54 -25.54
N ILE F 60 14.35 -4.56 -25.57
CA ILE F 60 14.01 -3.75 -24.39
C ILE F 60 12.55 -3.95 -24.07
N ARG F 61 12.24 -4.05 -22.78
CA ARG F 61 10.86 -4.08 -22.33
C ARG F 61 10.67 -3.01 -21.28
N VAL F 62 9.73 -2.10 -21.50
CA VAL F 62 9.45 -1.01 -20.58
C VAL F 62 8.08 -1.23 -20.04
N TYR F 63 7.93 -1.10 -18.72
CA TYR F 63 6.65 -1.29 -18.04
C TYR F 63 6.17 0.04 -17.53
N ALA F 64 5.16 0.57 -18.20
CA ALA F 64 4.63 1.91 -17.94
C ALA F 64 3.33 1.77 -17.20
N SER F 65 3.20 2.42 -16.05
CA SER F 65 1.95 2.35 -15.28
C SER F 65 1.29 3.67 -15.02
N THR F 66 -0.03 3.64 -15.05
CA THR F 66 -0.91 4.76 -14.70
C THR F 66 -2.00 4.11 -13.84
N GLY F 67 -2.18 4.58 -12.60
CA GLY F 67 -3.11 4.00 -11.64
C GLY F 67 -2.67 2.57 -11.39
N THR F 68 -3.57 1.59 -11.63
CA THR F 68 -3.23 0.18 -11.50
C THR F 68 -3.02 -0.53 -12.86
N THR F 69 -2.99 0.24 -13.96
CA THR F 69 -2.80 -0.33 -15.29
C THR F 69 -1.37 -0.25 -15.74
N THR F 70 -0.75 -1.40 -15.96
CA THR F 70 0.62 -1.47 -16.47
C THR F 70 0.62 -1.98 -17.89
N THR F 71 1.25 -1.22 -18.79
CA THR F 71 1.39 -1.53 -20.19
C THR F 71 2.87 -1.87 -20.46
N GLU F 72 3.14 -2.97 -21.12
CA GLU F 72 4.48 -3.30 -21.55
C GLU F 72 4.67 -2.78 -22.97
N TRP F 73 5.79 -2.12 -23.17
CA TRP F 73 6.21 -1.63 -24.46
C TRP F 73 7.48 -2.35 -24.85
N CYS F 74 7.58 -2.76 -26.11
CA CYS F 74 8.64 -3.62 -26.63
C CYS F 74 9.47 -2.96 -27.71
N TRP F 75 10.78 -3.15 -27.69
CA TRP F 75 11.70 -2.74 -28.74
C TRP F 75 12.54 -3.97 -29.06
N ASP F 76 12.53 -4.36 -30.33
CA ASP F 76 13.38 -5.42 -30.86
C ASP F 76 14.19 -4.94 -32.06
N GLY F 77 14.47 -3.65 -32.12
CA GLY F 77 15.35 -3.07 -33.14
C GLY F 77 14.71 -2.29 -34.24
N GLY F 79 11.30 -0.45 -33.95
CA GLY F 79 10.17 0.37 -33.51
C GLY F 79 9.55 -0.20 -32.25
N TRP F 80 8.83 0.65 -31.53
CA TRP F 80 8.15 0.25 -30.28
C TRP F 80 6.77 -0.28 -30.56
N TYR F 81 6.32 -1.25 -29.77
CA TYR F 81 4.98 -1.82 -29.90
C TYR F 81 4.54 -2.40 -28.57
N GLY F 83 3.30 -4.93 -25.85
CA GLY F 83 3.55 -6.33 -25.53
C GLY F 83 2.38 -7.01 -24.86
N ALA F 84 2.54 -8.33 -24.69
CA ALA F 84 1.51 -9.21 -24.12
C ALA F 84 1.28 -9.06 -22.61
N TYR F 85 2.19 -8.39 -21.87
CA TYR F 85 2.04 -8.32 -20.41
C TYR F 85 0.67 -7.89 -19.93
N THR F 86 0.18 -8.62 -18.92
CA THR F 86 -1.01 -8.27 -18.15
C THR F 86 -0.63 -8.49 -16.67
N SER F 87 -1.24 -7.73 -15.76
CA SER F 87 -0.95 -7.85 -14.31
C SER F 87 -1.80 -8.91 -13.62
#